data_2C4F
#
_entry.id   2C4F
#
_cell.length_a   70.993
_cell.length_b   81.302
_cell.length_c   125.860
_cell.angle_alpha   90.00
_cell.angle_beta   90.00
_cell.angle_gamma   90.00
#
_symmetry.space_group_name_H-M   'P 21 21 21'
#
loop_
_entity.id
_entity.type
_entity.pdbx_description
1 polymer 'COAGULATION FACTOR VII PRECURSOR'
2 polymer 'COAGULATION FACTOR VII PRECURSOR'
3 polymer 'TISSUE FACTOR PRECURSOR'
4 polymer 'TISSUE FACTOR PRECURSOR'
5 non-polymer 'CALCIUM ION'
6 non-polymer '2-{[6-{3-[AMINO(IMINO)METHYL]PHENOXY}-4-(DIISOPROPYLAMINO)-3,5-DIFLUOROPYRIDIN-2-YL]OXY}-5-[(ISOBUTYLAMINO)CARBONYL]BEN ZOIC ACID'
7 non-polymer alpha-D-glucopyranose
8 non-polymer alpha-L-fucopyranose
9 non-polymer 2-acetamido-2-deoxy-beta-D-glucopyranose
10 water water
#
loop_
_entity_poly.entity_id
_entity_poly.type
_entity_poly.pdbx_seq_one_letter_code
_entity_poly.pdbx_strand_id
1 'polypeptide(L)'
;IVGGKVCPKGECPWQVLLLVNGAQLCGGTLINTIWVVSAAHCFDKIKNWRNLIAVLGEHDLSEHDGDEQSRRVAQVIIPS
TYVPGTTNHDIALLRLHQPVVLTDHVVPLCLPERTFSERTLAFVRFSLVSGWGQLLDRGATALELMVLNVPRLMTQDCLQ
QSRKVGDSPNITEYMFCAGYSDGSKDSCKGDSGGPHATHYRGTWYLTGIVSWGQGCATVGHFGVYTRVSQYIEWLQKLMR
SEPRPGVLLRAPFP
;
H
2 'polypeptide(L)'
;ANAFL(CGU)(CGU)LRPGSL(CGU)R(CGU)CK(CGU)(CGU)QCSF(CGU)(CGU)AR(CGU)IFKDA(CGU)RTKLF
WISYSDGDQCASSPCQNGGSCKDQLQSYICFCLPAFEGRNCETHKDDQLICVNENGGCEQYCSDHTGTKRSCRCHEGYSL
LADGVSCTPTVEYPCGKIPILE
;
L
3 'polypeptide(L)' TVAAYNLTWKSTNFKTILEWEPKPVNQVYTVQISTKSGDWKSKCFYTTDTECDLTDEIVKDVKQTYLARVFSYPA T
4 'polypeptide(L)'
;EPLYENSPEFTPYLETNLGQPTIQSFEQVGTKVNVTVEDERTLVRRNNTFLSLRDVFGKDLIYTLYYWSGKKTAKTNTNE
FLIDVDKGENYCFSVQAVIPSRTVNRKSTDSPVECM
;
U
#
# COMPACT_ATOMS: atom_id res chain seq x y z
N ILE A 1 12.68 -10.07 21.88
CA ILE A 1 11.55 -9.30 21.29
C ILE A 1 11.03 -8.29 22.30
N VAL A 2 10.94 -7.03 21.90
CA VAL A 2 10.44 -5.99 22.79
C VAL A 2 9.01 -5.62 22.39
N GLY A 3 8.11 -5.62 23.37
CA GLY A 3 6.72 -5.25 23.12
C GLY A 3 5.87 -6.18 22.28
N GLY A 4 6.25 -7.45 22.24
CA GLY A 4 5.49 -8.41 21.47
C GLY A 4 4.56 -9.20 22.36
N LYS A 5 4.18 -10.39 21.89
CA LYS A 5 3.30 -11.27 22.63
C LYS A 5 3.87 -12.69 22.58
N VAL A 6 3.34 -13.56 23.42
CA VAL A 6 3.81 -14.95 23.39
C VAL A 6 3.24 -15.58 22.12
N CYS A 7 4.07 -16.31 21.38
CA CYS A 7 3.57 -16.98 20.18
C CYS A 7 2.90 -18.24 20.71
N PRO A 8 1.58 -18.38 20.53
CA PRO A 8 0.90 -19.59 21.02
C PRO A 8 1.64 -20.84 20.57
N LYS A 9 1.93 -21.74 21.50
CA LYS A 9 2.65 -22.97 21.20
C LYS A 9 2.18 -23.59 19.89
N GLY A 10 3.11 -23.78 18.96
CA GLY A 10 2.78 -24.38 17.69
C GLY A 10 2.41 -23.42 16.56
N GLU A 11 2.24 -22.14 16.88
CA GLU A 11 1.88 -21.16 15.87
C GLU A 11 3.07 -20.48 15.18
N CYS A 12 4.28 -20.84 15.60
CA CYS A 12 5.53 -20.33 15.02
C CYS A 12 6.36 -21.60 14.84
N PRO A 13 5.78 -22.61 14.16
CA PRO A 13 6.42 -23.92 13.91
C PRO A 13 7.75 -23.99 13.18
N TRP A 14 8.12 -22.94 12.46
CA TRP A 14 9.40 -22.94 11.76
C TRP A 14 10.52 -22.32 12.59
N GLN A 15 10.16 -21.79 13.77
CA GLN A 15 11.16 -21.18 14.64
C GLN A 15 12.17 -22.20 15.11
N VAL A 16 13.45 -21.84 15.03
CA VAL A 16 14.52 -22.71 15.47
C VAL A 16 15.28 -22.07 16.63
N LEU A 17 15.72 -22.89 17.57
CA LEU A 17 16.51 -22.41 18.69
C LEU A 17 17.91 -22.98 18.46
N LEU A 18 18.92 -22.12 18.42
CA LEU A 18 20.28 -22.56 18.22
C LEU A 18 21.04 -22.54 19.53
N LEU A 19 21.69 -23.66 19.83
CA LEU A 19 22.46 -23.79 21.06
C LEU A 19 23.93 -24.10 20.77
N VAL A 20 24.82 -23.51 21.57
CA VAL A 20 26.24 -23.75 21.46
C VAL A 20 26.66 -24.32 22.81
N ASN A 21 26.99 -25.60 22.81
CA ASN A 21 27.39 -26.29 24.03
C ASN A 21 26.26 -26.23 25.06
N GLY A 22 25.04 -26.39 24.60
CA GLY A 22 23.88 -26.37 25.47
C GLY A 22 23.36 -24.99 25.86
N ALA A 23 24.11 -23.94 25.54
CA ALA A 23 23.68 -22.58 25.87
C ALA A 23 22.95 -21.89 24.72
N GLN A 24 21.98 -21.05 25.06
CA GLN A 24 21.20 -20.31 24.06
C GLN A 24 22.11 -19.39 23.25
N LEU A 25 22.08 -19.54 21.93
CA LEU A 25 22.92 -18.72 21.06
C LEU A 25 22.14 -17.74 20.19
N CYS A 26 21.28 -18.29 19.34
CA CYS A 26 20.51 -17.47 18.41
C CYS A 26 19.24 -18.18 17.97
N GLY A 27 18.54 -17.54 17.03
CA GLY A 27 17.33 -18.12 16.47
C GLY A 27 17.65 -18.59 15.07
N GLY A 28 16.67 -19.18 14.41
CA GLY A 28 16.87 -19.66 13.06
C GLY A 28 15.53 -20.00 12.46
N THR A 29 15.50 -20.30 11.16
CA THR A 29 14.25 -20.62 10.48
C THR A 29 14.41 -21.92 9.69
N LEU A 30 13.50 -22.85 9.88
CA LEU A 30 13.53 -24.12 9.17
C LEU A 30 12.88 -23.88 7.80
N ILE A 31 13.56 -24.24 6.71
CA ILE A 31 12.97 -24.05 5.39
C ILE A 31 12.65 -25.36 4.68
N ASN A 32 13.08 -26.47 5.29
CA ASN A 32 12.82 -27.82 4.82
C ASN A 32 13.30 -28.78 5.91
N THR A 33 13.13 -30.09 5.74
CA THR A 33 13.53 -31.02 6.80
C THR A 33 14.98 -31.05 7.26
N ILE A 34 15.91 -30.51 6.47
CA ILE A 34 17.30 -30.54 6.91
C ILE A 34 18.06 -29.22 6.87
N TRP A 35 17.46 -28.17 6.31
CA TRP A 35 18.15 -26.88 6.25
C TRP A 35 17.52 -25.77 7.08
N VAL A 36 18.38 -25.01 7.77
CA VAL A 36 17.95 -23.91 8.62
C VAL A 36 18.68 -22.63 8.20
N VAL A 37 17.95 -21.52 8.16
CA VAL A 37 18.54 -20.24 7.79
C VAL A 37 18.68 -19.41 9.07
N SER A 38 19.86 -18.82 9.25
CA SER A 38 20.14 -17.98 10.43
C SER A 38 21.00 -16.78 10.04
N ALA A 39 21.60 -16.12 11.03
CA ALA A 39 22.44 -14.96 10.77
C ALA A 39 23.92 -15.30 10.89
N ALA A 40 24.72 -14.80 9.95
CA ALA A 40 26.15 -15.08 9.98
C ALA A 40 26.84 -14.58 11.25
N HIS A 41 26.46 -13.41 11.74
CA HIS A 41 27.11 -12.85 12.92
C HIS A 41 26.91 -13.66 14.19
N CYS A 42 26.00 -14.63 14.16
CA CYS A 42 25.74 -15.49 15.31
C CYS A 42 26.88 -16.46 15.53
N PHE A 43 27.77 -16.56 14.55
CA PHE A 43 28.88 -17.51 14.64
C PHE A 43 30.27 -16.88 14.71
N ASP A 44 30.31 -15.58 14.98
CA ASP A 44 31.57 -14.83 15.07
C ASP A 44 32.55 -15.34 16.14
N LYS A 45 32.01 -15.79 17.28
CA LYS A 45 32.88 -16.25 18.35
C LYS A 45 32.80 -17.74 18.64
N ILE A 46 32.33 -18.52 17.68
CA ILE A 46 32.23 -19.96 17.88
C ILE A 46 33.62 -20.59 17.82
N LYS A 47 33.89 -21.49 18.75
CA LYS A 47 35.18 -22.17 18.81
C LYS A 47 34.96 -23.67 18.68
N ASN A 48 33.89 -24.16 19.29
CA ASN A 48 33.55 -25.57 19.25
C ASN A 48 32.44 -25.82 18.24
N TRP A 49 32.80 -25.84 16.96
CA TRP A 49 31.83 -26.04 15.89
C TRP A 49 31.14 -27.41 15.95
N ARG A 50 31.65 -28.29 16.81
CA ARG A 50 31.07 -29.62 16.93
C ARG A 50 29.99 -29.69 18.00
N ASN A 51 29.82 -28.60 18.75
CA ASN A 51 28.80 -28.56 19.80
C ASN A 51 27.64 -27.65 19.41
N LEU A 52 27.24 -27.70 18.15
CA LEU A 52 26.15 -26.88 17.67
C LEU A 52 24.87 -27.71 17.53
N ILE A 53 23.82 -27.28 18.24
CA ILE A 53 22.56 -27.98 18.20
C ILE A 53 21.40 -27.08 17.77
N ALA A 54 20.50 -27.64 16.97
CA ALA A 54 19.32 -26.90 16.50
C ALA A 54 18.11 -27.59 17.11
N VAL A 55 17.25 -26.82 17.75
CA VAL A 55 16.07 -27.38 18.38
C VAL A 55 14.78 -26.89 17.71
N LEU A 56 13.94 -27.83 17.30
CA LEU A 56 12.67 -27.52 16.66
C LEU A 56 11.51 -27.90 17.56
N GLY A 57 10.37 -27.25 17.36
CA GLY A 57 9.22 -27.56 18.19
C GLY A 57 9.36 -27.04 19.62
N GLU A 58 10.35 -26.19 19.83
CA GLU A 58 10.60 -25.61 21.14
C GLU A 58 9.59 -24.50 21.38
N HIS A 59 9.25 -24.24 22.65
CA HIS A 59 8.31 -23.19 22.98
C HIS A 59 8.66 -22.54 24.31
N ASP A 60 8.71 -23.38 25.35
CA ASP A 60 9.02 -22.94 26.71
C ASP A 60 10.39 -23.50 27.04
N LEU A 61 11.38 -22.62 27.21
CA LEU A 61 12.74 -23.06 27.50
C LEU A 61 12.89 -23.70 28.88
N SER A 62 11.89 -23.54 29.73
CA SER A 62 11.96 -24.10 31.08
C SER A 62 11.36 -25.50 31.21
N GLU A 63 10.65 -25.96 30.18
CA GLU A 63 10.05 -27.29 30.24
C GLU A 63 10.21 -28.03 28.91
N HIS A 64 10.49 -29.32 28.99
CA HIS A 64 10.65 -30.13 27.79
C HIS A 64 9.38 -30.95 27.58
N ASP A 65 8.88 -31.00 26.35
CA ASP A 65 7.72 -31.83 26.07
C ASP A 65 7.99 -32.67 24.82
N GLY A 66 7.05 -33.54 24.48
CA GLY A 66 7.24 -34.43 23.35
C GLY A 66 7.20 -33.83 21.95
N ASP A 67 7.09 -32.50 21.86
CA ASP A 67 7.07 -31.85 20.56
C ASP A 67 8.45 -31.37 20.14
N GLU A 68 9.38 -31.35 21.08
CA GLU A 68 10.74 -30.91 20.82
C GLU A 68 11.61 -31.94 20.11
N GLN A 69 12.34 -31.49 19.09
CA GLN A 69 13.23 -32.35 18.34
C GLN A 69 14.59 -31.67 18.23
N SER A 70 15.65 -32.40 18.57
CA SER A 70 17.00 -31.84 18.51
C SER A 70 17.83 -32.52 17.43
N ARG A 71 18.69 -31.73 16.78
CA ARG A 71 19.56 -32.23 15.73
C ARG A 71 20.90 -31.53 15.78
N ARG A 72 21.96 -32.26 15.48
CA ARG A 72 23.29 -31.68 15.49
C ARG A 72 23.45 -30.89 14.19
N VAL A 73 24.14 -29.76 14.26
CA VAL A 73 24.38 -28.95 13.08
C VAL A 73 25.64 -29.50 12.43
N ALA A 74 25.48 -30.06 11.23
CA ALA A 74 26.61 -30.65 10.51
C ALA A 74 27.43 -29.64 9.72
N GLN A 75 26.80 -28.54 9.31
CA GLN A 75 27.51 -27.54 8.53
C GLN A 75 26.91 -26.14 8.67
N VAL A 76 27.78 -25.13 8.62
CA VAL A 76 27.39 -23.73 8.72
C VAL A 76 28.01 -22.99 7.53
N ILE A 77 27.17 -22.54 6.60
CA ILE A 77 27.67 -21.84 5.42
C ILE A 77 27.36 -20.35 5.45
N ILE A 78 28.40 -19.53 5.28
CA ILE A 78 28.24 -18.08 5.29
C ILE A 78 28.93 -17.48 4.07
N PRO A 79 28.43 -16.34 3.58
CA PRO A 79 29.03 -15.68 2.42
C PRO A 79 30.47 -15.27 2.72
N SER A 80 31.38 -15.55 1.79
CA SER A 80 32.78 -15.18 2.01
C SER A 80 32.90 -13.66 2.10
N THR A 81 31.90 -12.96 1.56
CA THR A 81 31.88 -11.50 1.58
C THR A 81 31.61 -10.92 2.96
N TYR A 82 31.03 -11.73 3.85
CA TYR A 82 30.72 -11.29 5.21
C TYR A 82 32.00 -11.04 6.01
N VAL A 83 31.99 -9.96 6.80
CA VAL A 83 33.13 -9.61 7.63
C VAL A 83 32.75 -9.63 9.10
N PRO A 84 33.29 -10.57 9.87
CA PRO A 84 32.99 -10.67 11.30
C PRO A 84 33.07 -9.30 11.97
N GLY A 85 32.09 -9.00 12.84
CA GLY A 85 32.09 -7.72 13.51
C GLY A 85 31.32 -6.64 12.77
N THR A 86 30.87 -6.94 11.55
CA THR A 86 30.13 -5.96 10.77
C THR A 86 28.72 -6.46 10.48
N THR A 87 28.00 -5.72 9.64
CA THR A 87 26.61 -6.06 9.35
C THR A 87 26.21 -6.59 7.96
N ASN A 88 26.94 -6.22 6.92
CA ASN A 88 26.57 -6.66 5.57
C ASN A 88 26.65 -8.19 5.37
N HIS A 89 25.74 -8.72 4.56
CA HIS A 89 25.67 -10.15 4.24
C HIS A 89 25.50 -11.01 5.49
N ASP A 90 24.61 -10.58 6.37
CA ASP A 90 24.38 -11.31 7.62
C ASP A 90 23.43 -12.48 7.45
N ILE A 91 23.95 -13.57 6.88
CA ILE A 91 23.14 -14.75 6.64
C ILE A 91 23.97 -16.02 6.74
N ALA A 92 23.37 -17.07 7.26
CA ALA A 92 24.03 -18.36 7.40
C ALA A 92 23.07 -19.47 7.04
N LEU A 93 23.58 -20.49 6.35
CA LEU A 93 22.78 -21.63 5.94
C LEU A 93 23.30 -22.84 6.70
N LEU A 94 22.44 -23.44 7.52
CA LEU A 94 22.83 -24.58 8.34
C LEU A 94 22.25 -25.91 7.87
N ARG A 95 23.12 -26.91 7.76
CA ARG A 95 22.72 -28.25 7.34
C ARG A 95 22.64 -29.12 8.61
N LEU A 96 21.47 -29.72 8.85
CA LEU A 96 21.30 -30.59 10.02
C LEU A 96 21.88 -31.96 9.69
N HIS A 97 22.45 -32.62 10.70
CA HIS A 97 23.06 -33.94 10.52
C HIS A 97 22.01 -34.99 10.13
N GLN A 98 20.81 -34.86 10.70
CA GLN A 98 19.71 -35.77 10.41
C GLN A 98 18.47 -34.91 10.25
N PRO A 99 17.60 -35.24 9.30
CA PRO A 99 16.38 -34.46 9.08
C PRO A 99 15.38 -34.55 10.22
N VAL A 100 14.70 -33.44 10.48
CA VAL A 100 13.69 -33.44 11.53
C VAL A 100 12.44 -34.02 10.93
N VAL A 101 11.51 -34.43 11.78
CA VAL A 101 10.26 -34.99 11.31
C VAL A 101 9.21 -33.90 11.38
N LEU A 102 8.56 -33.62 10.25
CA LEU A 102 7.53 -32.58 10.23
C LEU A 102 6.32 -33.06 11.01
N THR A 103 5.79 -32.19 11.87
CA THR A 103 4.64 -32.51 12.70
C THR A 103 3.76 -31.27 12.84
N ASP A 104 2.73 -31.38 13.68
CA ASP A 104 1.83 -30.25 13.91
C ASP A 104 2.61 -29.11 14.57
N HIS A 105 3.75 -29.44 15.17
CA HIS A 105 4.57 -28.45 15.86
C HIS A 105 5.90 -28.13 15.20
N VAL A 106 6.20 -28.82 14.10
CA VAL A 106 7.45 -28.59 13.39
C VAL A 106 7.16 -28.53 11.90
N VAL A 107 7.14 -27.30 11.36
CA VAL A 107 6.84 -27.07 9.95
C VAL A 107 7.81 -26.04 9.36
N PRO A 108 8.30 -26.28 8.14
CA PRO A 108 9.24 -25.33 7.52
C PRO A 108 8.53 -24.11 6.94
N LEU A 109 9.23 -22.97 6.91
CA LEU A 109 8.70 -21.75 6.33
C LEU A 109 9.12 -21.80 4.87
N CYS A 110 8.28 -21.30 3.96
CA CYS A 110 8.63 -21.36 2.54
C CYS A 110 9.67 -20.34 2.12
N LEU A 111 10.72 -20.81 1.45
CA LEU A 111 11.73 -19.91 0.90
C LEU A 111 11.09 -19.57 -0.44
N PRO A 112 10.82 -18.28 -0.68
CA PRO A 112 10.18 -17.88 -1.94
C PRO A 112 11.14 -17.68 -3.09
N GLU A 113 10.60 -17.52 -4.29
CA GLU A 113 11.42 -17.26 -5.47
C GLU A 113 11.77 -15.79 -5.35
N ARG A 114 12.90 -15.39 -5.93
CA ARG A 114 13.35 -14.01 -5.84
C ARG A 114 12.39 -12.96 -6.38
N THR A 115 11.93 -13.12 -7.62
CA THR A 115 11.02 -12.12 -8.17
C THR A 115 9.73 -11.99 -7.36
N PHE A 116 9.13 -13.12 -7.00
CA PHE A 116 7.91 -13.10 -6.18
C PHE A 116 8.18 -12.31 -4.90
N SER A 117 9.31 -12.58 -4.28
CA SER A 117 9.63 -11.88 -3.04
C SER A 117 9.84 -10.36 -3.26
N GLU A 118 10.52 -9.99 -4.34
CA GLU A 118 10.79 -8.57 -4.61
C GLU A 118 9.60 -7.75 -5.10
N ARG A 119 8.77 -8.36 -5.94
CA ARG A 119 7.64 -7.66 -6.53
C ARG A 119 6.34 -7.76 -5.75
N THR A 120 6.20 -8.81 -4.93
CA THR A 120 4.97 -8.99 -4.18
C THR A 120 5.11 -9.00 -2.66
N LEU A 121 5.92 -9.89 -2.13
CA LEU A 121 6.10 -9.98 -0.68
C LEU A 121 6.67 -8.70 -0.07
N ALA A 122 7.56 -8.03 -0.81
CA ALA A 122 8.18 -6.81 -0.29
C ALA A 122 7.17 -5.70 -0.04
N PHE A 123 5.97 -5.84 -0.60
CA PHE A 123 4.96 -4.80 -0.44
C PHE A 123 3.79 -5.13 0.48
N VAL A 124 3.90 -6.27 1.15
CA VAL A 124 2.92 -6.65 2.16
C VAL A 124 3.46 -5.83 3.34
N ARG A 125 2.62 -4.97 3.91
CA ARG A 125 3.10 -4.10 4.98
C ARG A 125 3.64 -4.77 6.24
N PHE A 126 2.84 -5.64 6.85
CA PHE A 126 3.25 -6.30 8.08
C PHE A 126 3.75 -7.74 7.92
N SER A 127 4.71 -8.10 8.78
CA SER A 127 5.31 -9.42 8.83
C SER A 127 5.63 -9.73 10.29
N LEU A 128 5.82 -11.01 10.59
CA LEU A 128 6.11 -11.42 11.97
C LEU A 128 7.58 -11.71 12.21
N VAL A 129 8.08 -11.24 13.36
CA VAL A 129 9.45 -11.51 13.77
C VAL A 129 9.31 -12.18 15.13
N SER A 130 10.19 -13.14 15.43
CA SER A 130 10.06 -13.88 16.67
C SER A 130 11.39 -14.35 17.26
N GLY A 131 11.35 -14.75 18.54
CA GLY A 131 12.55 -15.22 19.19
C GLY A 131 12.45 -15.29 20.71
N TRP A 132 13.49 -15.87 21.33
CA TRP A 132 13.58 -15.99 22.77
C TRP A 132 14.60 -14.97 23.26
N GLY A 133 14.81 -13.92 22.47
CA GLY A 133 15.77 -12.90 22.82
C GLY A 133 15.35 -11.98 23.96
N GLN A 134 16.16 -10.95 24.22
CA GLN A 134 15.88 -10.01 25.30
C GLN A 134 14.55 -9.27 25.14
N LEU A 135 13.85 -9.11 26.26
CA LEU A 135 12.55 -8.44 26.27
C LEU A 135 12.73 -6.91 26.31
N LEU A 136 13.95 -6.49 26.65
CA LEU A 136 14.36 -5.09 26.73
C LEU A 136 15.86 -5.08 26.43
N ASP A 137 16.34 -4.04 25.75
CA ASP A 137 17.74 -3.94 25.35
C ASP A 137 18.82 -4.58 26.22
N ARG A 138 18.84 -4.28 27.50
CA ARG A 138 19.87 -4.88 28.36
C ARG A 138 19.20 -5.82 29.35
N GLY A 139 17.92 -6.10 29.10
CA GLY A 139 17.16 -6.95 30.00
C GLY A 139 17.26 -8.46 29.84
N ALA A 140 16.36 -9.15 30.53
CA ALA A 140 16.31 -10.60 30.53
C ALA A 140 15.74 -11.16 29.24
N THR A 141 16.05 -12.42 28.97
CA THR A 141 15.55 -13.09 27.78
C THR A 141 14.21 -13.75 28.11
N ALA A 142 13.50 -14.18 27.08
CA ALA A 142 12.19 -14.80 27.25
C ALA A 142 12.25 -16.32 27.41
N LEU A 143 11.38 -16.86 28.26
CA LEU A 143 11.32 -18.30 28.46
C LEU A 143 10.36 -18.89 27.44
N GLU A 144 9.32 -18.13 27.11
CA GLU A 144 8.34 -18.56 26.10
C GLU A 144 8.61 -17.78 24.82
N LEU A 145 8.47 -18.45 23.68
CA LEU A 145 8.70 -17.81 22.40
C LEU A 145 7.83 -16.58 22.22
N MET A 146 8.45 -15.48 21.82
CA MET A 146 7.74 -14.22 21.63
C MET A 146 7.64 -13.89 20.14
N VAL A 147 6.59 -13.17 19.76
CA VAL A 147 6.42 -12.79 18.36
C VAL A 147 5.88 -11.37 18.28
N LEU A 148 6.20 -10.70 17.18
CA LEU A 148 5.81 -9.31 17.00
C LEU A 148 5.50 -9.00 15.55
N ASN A 149 4.47 -8.19 15.32
CA ASN A 149 4.08 -7.80 13.97
C ASN A 149 4.80 -6.47 13.70
N VAL A 150 5.58 -6.40 12.62
CA VAL A 150 6.30 -5.17 12.29
C VAL A 150 6.05 -4.78 10.84
N PRO A 151 5.93 -3.47 10.58
CA PRO A 151 5.71 -2.96 9.22
C PRO A 151 7.05 -2.72 8.54
N ARG A 152 7.10 -2.98 7.24
CA ARG A 152 8.32 -2.80 6.48
C ARG A 152 8.43 -1.42 5.83
N LEU A 153 9.66 -0.94 5.65
CA LEU A 153 9.89 0.34 5.01
C LEU A 153 10.87 0.21 3.87
N MET A 154 10.71 1.04 2.85
CA MET A 154 11.70 1.01 1.79
C MET A 154 12.85 1.77 2.46
N THR A 155 14.07 1.46 2.08
CA THR A 155 15.24 2.07 2.70
C THR A 155 15.30 3.59 2.67
N GLN A 156 14.84 4.21 1.59
CA GLN A 156 14.83 5.65 1.49
C GLN A 156 14.06 6.26 2.66
N ASP A 157 12.90 5.69 2.95
CA ASP A 157 12.08 6.16 4.06
C ASP A 157 12.76 5.88 5.40
N CYS A 158 13.33 4.69 5.53
CA CYS A 158 14.01 4.31 6.75
C CYS A 158 15.07 5.35 7.11
N LEU A 159 15.88 5.71 6.13
CA LEU A 159 16.94 6.69 6.33
C LEU A 159 16.41 8.07 6.68
N GLN A 160 15.34 8.50 6.00
CA GLN A 160 14.78 9.82 6.25
C GLN A 160 14.03 9.90 7.58
N GLN A 161 13.62 8.74 8.11
CA GLN A 161 12.87 8.72 9.37
C GLN A 161 13.72 8.30 10.56
N SER A 162 15.01 8.06 10.34
CA SER A 162 15.89 7.65 11.42
C SER A 162 16.79 8.77 11.91
N ARG A 163 16.95 8.83 13.23
CA ARG A 163 17.79 9.81 13.88
C ARG A 163 19.24 9.54 13.49
N LYS A 164 19.91 10.56 12.98
CA LYS A 164 21.31 10.42 12.55
C LYS A 164 22.22 10.04 13.72
N VAL A 165 23.00 8.97 13.51
CA VAL A 165 23.93 8.49 14.52
C VAL A 165 25.34 8.43 13.96
N GLY A 166 26.29 8.94 14.74
CA GLY A 166 27.69 8.98 14.35
C GLY A 166 28.26 7.82 13.56
N ASP A 167 28.60 6.74 14.26
CA ASP A 167 29.19 5.58 13.61
C ASP A 167 28.19 4.47 13.32
N SER A 168 27.04 4.83 12.77
CA SER A 168 26.02 3.83 12.46
C SER A 168 26.31 3.14 11.13
N PRO A 169 26.09 1.82 11.07
CA PRO A 169 26.33 1.02 9.87
C PRO A 169 25.41 1.44 8.72
N ASN A 170 25.90 1.37 7.49
CA ASN A 170 25.10 1.73 6.33
C ASN A 170 24.02 0.67 6.10
N ILE A 171 22.86 1.09 5.62
CA ILE A 171 21.78 0.16 5.32
C ILE A 171 22.00 -0.16 3.84
N THR A 172 22.48 -1.37 3.57
CA THR A 172 22.79 -1.76 2.20
C THR A 172 21.63 -2.42 1.46
N GLU A 173 21.87 -2.75 0.19
CA GLU A 173 20.85 -3.40 -0.62
C GLU A 173 20.55 -4.81 -0.12
N TYR A 174 21.38 -5.30 0.80
CA TYR A 174 21.20 -6.64 1.35
C TYR A 174 20.49 -6.60 2.70
N MET A 175 19.84 -5.47 2.98
CA MET A 175 19.12 -5.28 4.25
C MET A 175 17.85 -4.48 3.99
N PHE A 176 16.98 -4.44 4.99
CA PHE A 176 15.76 -3.64 4.93
C PHE A 176 15.31 -3.37 6.36
N CYS A 177 14.64 -2.24 6.57
CA CYS A 177 14.17 -1.89 7.91
C CYS A 177 12.72 -2.28 8.12
N ALA A 178 12.40 -2.63 9.35
CA ALA A 178 11.02 -2.98 9.70
C ALA A 178 10.86 -2.65 11.17
N GLY A 179 9.67 -2.18 11.53
CA GLY A 179 9.43 -1.87 12.93
C GLY A 179 8.83 -0.51 13.20
N TYR A 180 9.13 0.02 14.38
CA TYR A 180 8.61 1.29 14.84
C TYR A 180 9.73 2.14 15.42
N SER A 181 9.64 3.45 15.23
CA SER A 181 10.66 4.37 15.71
C SER A 181 10.17 5.13 16.95
N ASP A 182 9.10 4.65 17.57
CA ASP A 182 8.57 5.32 18.75
C ASP A 182 9.02 4.69 20.06
N GLY A 183 9.96 3.76 19.97
CA GLY A 183 10.50 3.09 21.15
C GLY A 183 9.59 2.07 21.82
N SER A 184 8.58 1.59 21.10
CA SER A 184 7.65 0.65 21.69
C SER A 184 7.82 -0.81 21.33
N LYS A 185 8.25 -1.09 20.10
CA LYS A 185 8.37 -2.46 19.61
C LYS A 185 9.55 -2.68 18.67
N ASP A 186 10.22 -3.82 18.84
CA ASP A 186 11.38 -4.14 17.99
C ASP A 186 11.87 -5.54 18.34
N SER A 187 12.72 -6.10 17.49
CA SER A 187 13.31 -7.40 17.80
C SER A 187 14.51 -6.97 18.67
N CYS A 188 15.27 -7.91 19.22
CA CYS A 188 16.37 -7.50 20.09
C CYS A 188 17.48 -8.54 20.14
N LYS A 189 18.51 -8.24 20.94
CA LYS A 189 19.63 -9.14 21.09
C LYS A 189 19.13 -10.54 21.44
N GLY A 190 19.71 -11.54 20.81
CA GLY A 190 19.30 -12.91 21.06
C GLY A 190 18.29 -13.40 20.04
N ASP A 191 17.52 -12.47 19.46
CA ASP A 191 16.53 -12.84 18.44
C ASP A 191 17.26 -13.02 17.12
N SER A 192 18.48 -12.52 17.05
CA SER A 192 19.31 -12.62 15.85
C SER A 192 19.20 -14.00 15.21
N GLY A 193 19.06 -14.03 13.88
CA GLY A 193 18.95 -15.28 13.16
C GLY A 193 17.52 -15.76 12.99
N GLY A 194 16.61 -15.23 13.79
CA GLY A 194 15.21 -15.63 13.70
C GLY A 194 14.52 -15.17 12.42
N PRO A 195 13.31 -15.68 12.16
CA PRO A 195 12.57 -15.30 10.95
C PRO A 195 11.79 -14.00 10.99
N HIS A 196 11.68 -13.40 9.81
CA HIS A 196 10.86 -12.24 9.55
C HIS A 196 10.02 -12.95 8.50
N ALA A 197 8.82 -13.35 8.88
CA ALA A 197 7.92 -14.11 8.03
C ALA A 197 6.74 -13.31 7.51
N THR A 198 6.48 -13.46 6.22
CA THR A 198 5.41 -12.73 5.55
C THR A 198 4.28 -13.63 5.06
N HIS A 199 3.06 -13.27 5.44
CA HIS A 199 1.84 -13.98 5.10
C HIS A 199 1.27 -13.42 3.78
N TYR A 200 1.07 -14.28 2.79
CA TYR A 200 0.52 -13.84 1.52
C TYR A 200 -0.41 -14.89 0.94
N ARG A 201 -1.67 -14.49 0.74
CA ARG A 201 -2.70 -15.36 0.20
C ARG A 201 -2.69 -16.78 0.74
N GLY A 202 -2.69 -16.89 2.06
CA GLY A 202 -2.75 -18.19 2.71
C GLY A 202 -1.48 -18.96 2.98
N THR A 203 -0.32 -18.41 2.63
CA THR A 203 0.94 -19.11 2.88
C THR A 203 1.96 -18.15 3.46
N TRP A 204 2.84 -18.66 4.32
CA TRP A 204 3.89 -17.85 4.94
C TRP A 204 5.23 -18.06 4.27
N TYR A 205 5.98 -16.96 4.09
CA TYR A 205 7.28 -17.02 3.43
C TYR A 205 8.39 -16.31 4.19
N LEU A 206 9.62 -16.78 4.01
CA LEU A 206 10.77 -16.16 4.67
C LEU A 206 11.25 -14.95 3.85
N THR A 207 11.15 -13.76 4.43
CA THR A 207 11.56 -12.54 3.76
C THR A 207 12.73 -11.83 4.44
N GLY A 208 12.93 -12.13 5.72
CA GLY A 208 14.03 -11.49 6.42
C GLY A 208 14.61 -12.31 7.55
N ILE A 209 15.77 -11.89 8.04
CA ILE A 209 16.44 -12.56 9.15
C ILE A 209 16.75 -11.47 10.19
N VAL A 210 16.40 -11.71 11.45
CA VAL A 210 16.68 -10.73 12.48
C VAL A 210 18.19 -10.50 12.42
N SER A 211 18.61 -9.26 12.18
CA SER A 211 20.03 -8.95 12.03
C SER A 211 20.60 -7.95 13.02
N TRP A 212 20.18 -6.70 12.93
CA TRP A 212 20.70 -5.69 13.86
C TRP A 212 19.79 -4.49 14.03
N GLY A 213 20.27 -3.55 14.84
CA GLY A 213 19.54 -2.34 15.11
C GLY A 213 20.35 -1.53 16.10
N GLN A 214 19.96 -0.28 16.32
CA GLN A 214 20.68 0.54 17.27
C GLN A 214 19.92 0.47 18.58
N GLY A 215 20.39 -0.37 19.50
CA GLY A 215 19.67 -0.49 20.76
C GLY A 215 18.23 -0.87 20.43
N CYS A 216 17.70 -1.86 21.12
CA CYS A 216 16.35 -2.32 20.87
C CYS A 216 15.27 -1.29 21.14
N ALA A 217 14.37 -1.13 20.18
CA ALA A 217 13.26 -0.20 20.30
C ALA A 217 13.74 1.18 20.78
N THR A 218 14.72 1.73 20.08
CA THR A 218 15.23 3.05 20.45
C THR A 218 14.50 4.09 19.61
N VAL A 219 14.08 5.18 20.24
CA VAL A 219 13.37 6.22 19.52
C VAL A 219 14.20 6.73 18.34
N GLY A 220 13.55 6.87 17.18
CA GLY A 220 14.24 7.35 16.00
C GLY A 220 14.97 6.26 15.22
N HIS A 221 14.69 5.00 15.56
CA HIS A 221 15.34 3.87 14.89
C HIS A 221 14.42 2.69 14.64
N PHE A 222 14.75 1.92 13.60
CA PHE A 222 13.98 0.73 13.20
C PHE A 222 14.89 -0.48 13.28
N GLY A 223 14.30 -1.68 13.30
CA GLY A 223 15.11 -2.87 13.30
C GLY A 223 15.58 -3.10 11.88
N VAL A 224 16.75 -3.73 11.72
CA VAL A 224 17.27 -4.01 10.38
C VAL A 224 17.34 -5.51 10.17
N TYR A 225 16.86 -5.94 9.01
CA TYR A 225 16.81 -7.36 8.67
C TYR A 225 17.53 -7.70 7.38
N THR A 226 18.12 -8.89 7.33
CA THR A 226 18.82 -9.32 6.13
C THR A 226 17.78 -9.53 5.05
N ARG A 227 18.00 -8.94 3.87
CA ARG A 227 17.05 -9.06 2.77
C ARG A 227 17.27 -10.40 2.07
N VAL A 228 16.54 -11.40 2.54
CA VAL A 228 16.64 -12.77 2.04
C VAL A 228 16.48 -12.92 0.52
N SER A 229 15.70 -12.04 -0.10
CA SER A 229 15.49 -12.10 -1.55
C SER A 229 16.80 -12.06 -2.35
N GLN A 230 17.80 -11.36 -1.82
CA GLN A 230 19.08 -11.24 -2.50
C GLN A 230 19.90 -12.54 -2.48
N TYR A 231 19.51 -13.47 -1.63
CA TYR A 231 20.25 -14.72 -1.46
C TYR A 231 19.56 -15.99 -1.91
N ILE A 232 18.40 -15.89 -2.54
CA ILE A 232 17.66 -17.08 -2.96
C ILE A 232 18.47 -18.04 -3.83
N GLU A 233 19.10 -17.52 -4.87
CA GLU A 233 19.90 -18.35 -5.77
C GLU A 233 21.05 -18.97 -4.97
N TRP A 234 21.75 -18.12 -4.23
CA TRP A 234 22.88 -18.54 -3.41
C TRP A 234 22.50 -19.70 -2.49
N LEU A 235 21.35 -19.57 -1.82
CA LEU A 235 20.88 -20.60 -0.91
C LEU A 235 20.49 -21.89 -1.62
N GLN A 236 19.72 -21.77 -2.70
CA GLN A 236 19.28 -22.95 -3.43
C GLN A 236 20.44 -23.76 -3.97
N LYS A 237 21.46 -23.09 -4.49
CA LYS A 237 22.63 -23.79 -5.02
C LYS A 237 23.31 -24.57 -3.90
N LEU A 238 23.63 -23.87 -2.82
CA LEU A 238 24.30 -24.49 -1.68
C LEU A 238 23.56 -25.67 -1.08
N MET A 239 22.23 -25.62 -1.07
CA MET A 239 21.47 -26.73 -0.51
C MET A 239 21.61 -27.98 -1.37
N ARG A 240 22.18 -27.80 -2.55
CA ARG A 240 22.41 -28.92 -3.47
C ARG A 240 23.89 -29.26 -3.46
N SER A 241 24.65 -28.55 -2.63
CA SER A 241 26.08 -28.78 -2.51
C SER A 241 26.36 -30.08 -1.77
N GLU A 242 27.61 -30.52 -1.84
CA GLU A 242 28.01 -31.76 -1.17
C GLU A 242 28.63 -31.41 0.18
N PRO A 243 28.40 -32.26 1.19
CA PRO A 243 28.94 -32.06 2.54
C PRO A 243 30.47 -31.97 2.57
N ARG A 244 30.98 -30.94 3.25
CA ARG A 244 32.42 -30.74 3.39
C ARG A 244 32.88 -31.38 4.69
N PRO A 245 34.20 -31.48 4.90
CA PRO A 245 34.73 -32.08 6.13
C PRO A 245 34.55 -31.18 7.35
N GLY A 246 35.00 -29.94 7.24
CA GLY A 246 34.87 -29.00 8.35
C GLY A 246 33.44 -28.52 8.50
N VAL A 247 33.13 -27.90 9.63
CA VAL A 247 31.77 -27.39 9.87
C VAL A 247 31.55 -26.07 9.15
N LEU A 248 32.38 -25.07 9.49
CA LEU A 248 32.27 -23.75 8.89
C LEU A 248 32.71 -23.77 7.44
N LEU A 249 31.96 -23.06 6.60
CA LEU A 249 32.27 -22.98 5.18
C LEU A 249 31.93 -21.59 4.67
N ARG A 250 32.95 -20.86 4.22
CA ARG A 250 32.73 -19.53 3.67
C ARG A 250 32.59 -19.72 2.16
N ALA A 251 31.36 -19.69 1.68
CA ALA A 251 31.07 -19.89 0.26
C ALA A 251 31.01 -18.58 -0.51
N PRO A 252 31.50 -18.59 -1.76
CA PRO A 252 31.51 -17.40 -2.61
C PRO A 252 30.12 -16.82 -2.82
N PHE A 253 30.05 -15.50 -2.93
CA PHE A 253 28.79 -14.80 -3.18
C PHE A 253 29.08 -13.66 -4.14
N PRO A 254 28.26 -13.50 -5.19
CA PRO A 254 27.08 -14.27 -5.56
C PRO A 254 27.37 -15.76 -5.76
N PHE B 4 -30.34 45.45 -37.86
CA PHE B 4 -30.51 46.46 -36.77
C PHE B 4 -31.94 46.51 -36.25
N LEU B 5 -32.89 45.98 -37.01
CA LEU B 5 -34.28 45.98 -36.59
C LEU B 5 -34.51 45.08 -35.39
N LEU B 8 -34.31 46.76 -31.70
CA LEU B 8 -35.36 47.61 -31.14
C LEU B 8 -36.03 46.90 -29.97
N ARG B 9 -35.90 45.58 -29.94
CA ARG B 9 -36.49 44.79 -28.87
C ARG B 9 -35.76 45.12 -27.57
N PRO B 10 -36.53 45.45 -26.52
CA PRO B 10 -35.96 45.79 -25.21
C PRO B 10 -35.00 44.72 -24.68
N GLY B 11 -34.07 45.14 -23.82
CA GLY B 11 -33.10 44.23 -23.26
C GLY B 11 -33.69 42.93 -22.77
N SER B 12 -33.00 41.82 -23.04
CA SER B 12 -33.48 40.50 -22.64
C SER B 12 -32.33 39.51 -22.46
N LEU B 13 -32.16 39.01 -21.23
CA LEU B 13 -31.12 38.04 -20.97
C LEU B 13 -31.40 36.82 -21.83
N ARG B 15 -33.21 36.47 -24.79
CA ARG B 15 -32.96 36.65 -26.22
C ARG B 15 -31.51 37.04 -26.54
N CYS B 17 -28.55 36.70 -24.43
CA CYS B 17 -27.46 35.83 -23.97
C CYS B 17 -27.78 34.33 -24.03
N LYS B 18 -29.04 33.97 -23.81
CA LYS B 18 -29.42 32.57 -23.84
C LYS B 18 -29.67 32.03 -25.24
N GLN B 21 -25.49 34.66 -28.49
CA GLN B 21 -24.33 34.86 -27.62
C GLN B 21 -24.15 36.34 -27.32
N CYS B 22 -23.86 36.66 -26.07
CA CYS B 22 -23.69 38.06 -25.70
C CYS B 22 -22.31 38.38 -25.12
N SER B 23 -21.93 39.65 -25.18
CA SER B 23 -20.65 40.12 -24.66
C SER B 23 -20.80 40.47 -23.19
N PHE B 24 -19.68 40.71 -22.52
CA PHE B 24 -19.72 41.06 -21.10
C PHE B 24 -20.59 42.30 -20.87
N ALA B 27 -24.20 41.74 -21.16
CA ALA B 27 -24.68 41.13 -19.93
C ALA B 27 -24.70 42.12 -18.79
N ARG B 28 -23.63 42.90 -18.65
CA ARG B 28 -23.55 43.88 -17.58
C ARG B 28 -24.70 44.87 -17.65
N ILE B 30 -27.58 44.31 -18.52
CA ILE B 30 -28.76 43.62 -18.01
C ILE B 30 -28.77 43.50 -16.48
N PHE B 31 -27.67 42.99 -15.92
CA PHE B 31 -27.58 42.82 -14.47
C PHE B 31 -27.35 44.13 -13.72
N LYS B 32 -26.86 45.15 -14.43
CA LYS B 32 -26.61 46.46 -13.84
C LYS B 32 -25.82 46.43 -12.53
N ASP B 33 -24.85 45.52 -12.45
CA ASP B 33 -24.03 45.40 -11.24
C ASP B 33 -22.87 44.45 -11.47
N ALA B 34 -21.66 44.94 -11.22
CA ALA B 34 -20.44 44.17 -11.40
C ALA B 34 -20.52 42.79 -10.78
N ARG B 36 -23.08 40.62 -9.61
CA ARG B 36 -23.94 39.65 -10.28
C ARG B 36 -23.50 39.36 -11.71
N THR B 37 -23.08 40.40 -12.44
CA THR B 37 -22.66 40.21 -13.82
C THR B 37 -21.49 39.24 -13.90
N LYS B 38 -20.48 39.44 -13.07
CA LYS B 38 -19.32 38.55 -13.09
C LYS B 38 -19.69 37.14 -12.65
N LEU B 39 -20.62 37.03 -11.71
CA LEU B 39 -21.05 35.71 -11.23
C LEU B 39 -21.65 34.97 -12.42
N PHE B 40 -22.45 35.68 -13.21
CA PHE B 40 -23.06 35.11 -14.39
C PHE B 40 -21.99 34.75 -15.41
N TRP B 41 -21.12 35.71 -15.69
CA TRP B 41 -20.06 35.55 -16.68
C TRP B 41 -19.11 34.38 -16.42
N ILE B 42 -18.76 34.16 -15.15
CA ILE B 42 -17.85 33.08 -14.76
C ILE B 42 -18.19 31.78 -15.49
N SER B 43 -19.45 31.35 -15.36
CA SER B 43 -19.90 30.11 -15.99
C SER B 43 -20.27 30.28 -17.46
N TYR B 44 -20.97 31.37 -17.77
CA TYR B 44 -21.40 31.63 -19.13
C TYR B 44 -20.28 31.59 -20.17
N SER B 45 -19.16 32.24 -19.86
CA SER B 45 -18.05 32.30 -20.80
C SER B 45 -17.00 31.22 -20.59
N ASP B 46 -17.27 30.27 -19.71
CA ASP B 46 -16.31 29.20 -19.42
C ASP B 46 -16.13 28.20 -20.56
N GLY B 47 -17.22 27.88 -21.24
CA GLY B 47 -17.14 26.91 -22.32
C GLY B 47 -17.38 25.50 -21.81
N ASP B 48 -17.85 24.61 -22.69
CA ASP B 48 -18.12 23.23 -22.32
C ASP B 48 -16.95 22.32 -22.67
N GLN B 49 -16.09 22.05 -21.70
CA GLN B 49 -14.93 21.20 -21.91
C GLN B 49 -15.28 19.78 -22.37
N CYS B 50 -16.56 19.41 -22.27
CA CYS B 50 -17.00 18.09 -22.70
C CYS B 50 -17.31 18.07 -24.20
N ALA B 51 -17.26 19.24 -24.82
CA ALA B 51 -17.55 19.35 -26.24
C ALA B 51 -16.77 18.39 -27.14
N SER B 52 -15.50 18.19 -26.82
CA SER B 52 -14.66 17.30 -27.62
C SER B 52 -14.82 15.82 -27.27
N SER B 53 -15.76 15.51 -26.40
CA SER B 53 -16.01 14.13 -26.00
C SER B 53 -14.73 13.42 -25.57
N PRO B 54 -14.11 13.92 -24.48
CA PRO B 54 -12.86 13.35 -23.95
C PRO B 54 -12.98 11.95 -23.31
N CYS B 55 -14.16 11.63 -22.79
CA CYS B 55 -14.34 10.33 -22.14
C CYS B 55 -14.49 9.19 -23.14
N GLN B 56 -13.50 8.31 -23.13
CA GLN B 56 -13.45 7.16 -24.02
C GLN B 56 -14.18 5.93 -23.50
N ASN B 57 -14.16 4.88 -24.32
CA ASN B 57 -14.77 3.60 -23.99
C ASN B 57 -16.14 3.65 -23.31
N GLY B 58 -17.01 4.50 -23.84
CA GLY B 58 -18.36 4.61 -23.31
C GLY B 58 -18.54 5.39 -22.01
N GLY B 59 -17.56 6.20 -21.65
CA GLY B 59 -17.68 6.98 -20.42
C GLY B 59 -18.60 8.18 -20.56
N SER B 60 -18.95 8.79 -19.44
CA SER B 60 -19.82 9.97 -19.40
C SER B 60 -19.03 11.18 -18.96
N CYS B 61 -19.20 12.29 -19.68
CA CYS B 61 -18.49 13.51 -19.35
C CYS B 61 -19.38 14.51 -18.62
N LYS B 62 -18.82 15.14 -17.59
CA LYS B 62 -19.54 16.14 -16.81
C LYS B 62 -18.69 17.40 -16.81
N ASP B 63 -19.22 18.47 -17.38
CA ASP B 63 -18.49 19.73 -17.46
C ASP B 63 -18.31 20.41 -16.10
N GLN B 64 -17.19 21.12 -15.96
CA GLN B 64 -16.86 21.87 -14.76
C GLN B 64 -16.25 23.18 -15.27
N LEU B 65 -15.71 23.99 -14.38
CA LEU B 65 -15.10 25.24 -14.80
C LEU B 65 -13.69 24.96 -15.34
N GLN B 66 -13.50 25.14 -16.64
CA GLN B 66 -12.22 24.90 -17.28
C GLN B 66 -11.68 23.49 -17.04
N SER B 67 -12.58 22.53 -16.93
CA SER B 67 -12.20 21.14 -16.72
C SER B 67 -13.43 20.28 -16.82
N TYR B 68 -13.26 18.97 -16.68
CA TYR B 68 -14.37 18.04 -16.76
C TYR B 68 -14.04 16.80 -15.93
N ILE B 69 -15.05 15.96 -15.76
CA ILE B 69 -14.90 14.71 -15.02
C ILE B 69 -15.48 13.57 -15.86
N CYS B 70 -14.74 12.47 -15.98
CA CYS B 70 -15.23 11.32 -16.74
C CYS B 70 -15.69 10.20 -15.82
N PHE B 71 -16.91 9.73 -16.03
CA PHE B 71 -17.45 8.62 -15.26
C PHE B 71 -17.30 7.43 -16.20
N CYS B 72 -16.51 6.44 -15.78
CA CYS B 72 -16.26 5.28 -16.63
C CYS B 72 -17.10 4.04 -16.34
N LEU B 73 -17.20 3.19 -17.36
CA LEU B 73 -17.90 1.93 -17.21
C LEU B 73 -16.97 1.10 -16.31
N PRO B 74 -17.52 0.09 -15.61
CA PRO B 74 -16.78 -0.78 -14.71
C PRO B 74 -15.39 -1.28 -15.13
N ALA B 75 -15.24 -1.68 -16.39
CA ALA B 75 -13.97 -2.21 -16.88
C ALA B 75 -12.94 -1.17 -17.33
N PHE B 76 -13.19 0.10 -17.05
CA PHE B 76 -12.26 1.12 -17.47
C PHE B 76 -11.95 2.13 -16.37
N GLU B 77 -10.79 2.76 -16.50
CA GLU B 77 -10.38 3.79 -15.56
C GLU B 77 -9.49 4.79 -16.28
N GLY B 78 -9.03 5.80 -15.56
CA GLY B 78 -8.21 6.82 -16.17
C GLY B 78 -8.97 8.13 -16.29
N ARG B 79 -8.24 9.24 -16.39
CA ARG B 79 -8.86 10.55 -16.52
C ARG B 79 -9.92 10.56 -17.62
N ASN B 80 -9.62 9.90 -18.74
CA ASN B 80 -10.55 9.84 -19.87
C ASN B 80 -11.03 8.41 -20.16
N CYS B 81 -11.00 7.58 -19.12
CA CYS B 81 -11.42 6.18 -19.24
C CYS B 81 -10.63 5.45 -20.32
N GLU B 82 -9.38 5.87 -20.51
CA GLU B 82 -8.52 5.26 -21.54
C GLU B 82 -7.88 3.94 -21.12
N THR B 83 -7.91 3.63 -19.83
CA THR B 83 -7.30 2.41 -19.33
C THR B 83 -8.23 1.21 -19.32
N HIS B 84 -7.83 0.14 -20.00
CA HIS B 84 -8.61 -1.09 -20.06
C HIS B 84 -8.19 -1.99 -18.90
N LYS B 85 -9.09 -2.20 -17.94
CA LYS B 85 -8.77 -3.06 -16.80
C LYS B 85 -8.45 -4.48 -17.24
N ASP B 86 -9.08 -4.92 -18.33
CA ASP B 86 -8.88 -6.28 -18.82
C ASP B 86 -7.48 -6.52 -19.39
N ASP B 87 -6.75 -5.44 -19.64
CA ASP B 87 -5.40 -5.56 -20.19
C ASP B 87 -4.32 -5.40 -19.13
N GLN B 88 -4.70 -5.43 -17.87
CA GLN B 88 -3.75 -5.25 -16.78
C GLN B 88 -3.40 -6.52 -16.02
N LEU B 89 -3.62 -7.68 -16.65
CA LEU B 89 -3.33 -8.95 -16.00
C LEU B 89 -1.85 -9.31 -16.06
N ILE B 90 -1.04 -8.54 -15.32
CA ILE B 90 0.39 -8.79 -15.29
C ILE B 90 0.85 -9.03 -13.84
N CYS B 91 1.99 -9.69 -13.69
CA CYS B 91 2.49 -10.03 -12.38
C CYS B 91 2.69 -8.89 -11.38
N VAL B 92 3.01 -7.70 -11.87
CA VAL B 92 3.20 -6.57 -10.98
C VAL B 92 1.86 -6.05 -10.45
N ASN B 93 0.76 -6.46 -11.07
CA ASN B 93 -0.57 -6.03 -10.63
C ASN B 93 -1.17 -7.08 -9.71
N GLU B 94 -1.01 -6.88 -8.41
CA GLU B 94 -1.52 -7.82 -7.41
C GLU B 94 -1.14 -9.27 -7.74
N ASN B 95 0.13 -9.46 -8.04
CA ASN B 95 0.70 -10.77 -8.35
C ASN B 95 -0.02 -11.49 -9.50
N GLY B 96 -0.62 -10.71 -10.41
CA GLY B 96 -1.32 -11.31 -11.54
C GLY B 96 -2.48 -12.20 -11.13
N GLY B 97 -2.98 -12.01 -9.92
CA GLY B 97 -4.08 -12.82 -9.44
C GLY B 97 -3.64 -14.22 -9.02
N CYS B 98 -2.35 -14.47 -9.08
CA CYS B 98 -1.82 -15.79 -8.70
C CYS B 98 -1.75 -15.94 -7.19
N GLU B 99 -2.08 -17.13 -6.69
CA GLU B 99 -2.05 -17.38 -5.24
C GLU B 99 -0.61 -17.39 -4.73
N GLN B 100 0.30 -18.01 -5.49
CA GLN B 100 1.69 -18.08 -5.08
C GLN B 100 2.63 -17.41 -6.11
N TYR B 101 3.16 -18.19 -7.05
CA TYR B 101 4.07 -17.60 -8.04
C TYR B 101 3.40 -17.14 -9.34
N CYS B 102 3.96 -16.09 -9.94
CA CYS B 102 3.43 -15.52 -11.18
C CYS B 102 4.56 -15.36 -12.20
N SER B 103 4.28 -15.71 -13.45
CA SER B 103 5.27 -15.58 -14.51
C SER B 103 4.65 -14.87 -15.71
N ASP B 104 5.21 -13.72 -16.07
CA ASP B 104 4.71 -12.96 -17.20
C ASP B 104 5.17 -13.61 -18.50
N HIS B 105 4.37 -13.46 -19.54
CA HIS B 105 4.69 -14.03 -20.84
C HIS B 105 4.28 -13.05 -21.93
N THR B 106 5.23 -12.23 -22.37
CA THR B 106 4.95 -11.26 -23.41
C THR B 106 4.41 -11.97 -24.65
N GLY B 107 3.39 -11.39 -25.26
CA GLY B 107 2.79 -11.99 -26.43
C GLY B 107 1.52 -12.76 -26.10
N THR B 108 1.49 -13.39 -24.93
CA THR B 108 0.32 -14.16 -24.51
C THR B 108 -0.17 -13.76 -23.13
N LYS B 109 -0.56 -14.74 -22.32
CA LYS B 109 -1.06 -14.42 -20.98
C LYS B 109 -0.13 -14.95 -19.88
N ARG B 110 -0.18 -14.29 -18.73
CA ARG B 110 0.65 -14.71 -17.60
C ARG B 110 0.18 -16.06 -17.10
N SER B 111 1.08 -16.81 -16.48
CA SER B 111 0.72 -18.10 -15.93
C SER B 111 1.02 -18.08 -14.45
N CYS B 112 0.44 -19.01 -13.71
CA CYS B 112 0.69 -19.08 -12.27
C CYS B 112 1.38 -20.41 -11.97
N ARG B 113 2.19 -20.42 -10.92
CA ARG B 113 2.92 -21.61 -10.50
C ARG B 113 2.86 -21.74 -8.99
N CYS B 114 3.34 -22.86 -8.44
CA CYS B 114 3.31 -23.04 -7.01
C CYS B 114 4.66 -23.48 -6.46
N HIS B 115 4.83 -23.29 -5.16
CA HIS B 115 6.04 -23.66 -4.46
C HIS B 115 6.09 -25.18 -4.35
N GLU B 116 7.27 -25.73 -4.13
CA GLU B 116 7.40 -27.18 -3.98
C GLU B 116 6.44 -27.58 -2.87
N GLY B 117 5.83 -28.76 -3.00
CA GLY B 117 4.90 -29.21 -1.99
C GLY B 117 3.48 -28.79 -2.28
N TYR B 118 3.31 -28.07 -3.38
CA TYR B 118 1.99 -27.61 -3.81
C TYR B 118 1.84 -27.87 -5.31
N SER B 119 0.60 -27.93 -5.77
CA SER B 119 0.32 -28.16 -7.18
C SER B 119 -0.73 -27.15 -7.65
N LEU B 120 -0.57 -26.66 -8.88
CA LEU B 120 -1.51 -25.68 -9.42
C LEU B 120 -2.83 -26.36 -9.74
N LEU B 121 -3.93 -25.79 -9.25
CA LEU B 121 -5.25 -26.33 -9.49
C LEU B 121 -5.73 -26.05 -10.90
N ALA B 122 -6.97 -26.47 -11.19
CA ALA B 122 -7.56 -26.28 -12.51
C ALA B 122 -7.81 -24.82 -12.87
N ASP B 123 -8.19 -24.01 -11.89
CA ASP B 123 -8.45 -22.59 -12.13
C ASP B 123 -7.22 -21.85 -12.64
N GLY B 124 -6.08 -22.51 -12.62
CA GLY B 124 -4.84 -21.91 -13.11
C GLY B 124 -4.21 -20.84 -12.23
N VAL B 125 -4.78 -20.58 -11.05
CA VAL B 125 -4.23 -19.58 -10.16
C VAL B 125 -4.05 -20.02 -8.69
N SER B 126 -4.88 -20.97 -8.25
CA SER B 126 -4.82 -21.45 -6.87
C SER B 126 -3.84 -22.60 -6.68
N CYS B 127 -3.36 -22.77 -5.45
CA CYS B 127 -2.42 -23.85 -5.15
C CYS B 127 -2.96 -24.67 -3.98
N THR B 128 -2.74 -25.99 -4.05
CA THR B 128 -3.19 -26.90 -3.01
C THR B 128 -2.04 -27.81 -2.59
N PRO B 129 -1.95 -28.12 -1.28
CA PRO B 129 -0.89 -28.98 -0.76
C PRO B 129 -0.86 -30.38 -1.37
N THR B 130 0.34 -30.89 -1.61
CA THR B 130 0.51 -32.23 -2.17
C THR B 130 1.17 -33.13 -1.12
N VAL B 131 1.44 -32.56 0.05
CA VAL B 131 2.05 -33.31 1.15
C VAL B 131 1.29 -33.01 2.44
N GLU B 132 1.53 -33.80 3.48
CA GLU B 132 0.85 -33.61 4.76
C GLU B 132 1.17 -32.29 5.44
N TYR B 133 2.44 -31.91 5.38
CA TYR B 133 2.89 -30.66 6.00
C TYR B 133 3.62 -29.77 5.02
N PRO B 134 2.88 -29.05 4.18
CA PRO B 134 3.50 -28.15 3.19
C PRO B 134 4.12 -26.96 3.92
N CYS B 135 5.14 -26.35 3.33
CA CYS B 135 5.79 -25.20 3.96
C CYS B 135 4.79 -24.05 4.08
N GLY B 136 5.04 -23.15 5.04
CA GLY B 136 4.19 -21.99 5.21
C GLY B 136 2.74 -22.13 5.68
N LYS B 137 2.40 -23.27 6.27
CA LYS B 137 1.04 -23.46 6.78
C LYS B 137 1.17 -23.81 8.26
N ILE B 138 0.21 -23.36 9.06
CA ILE B 138 0.24 -23.61 10.50
C ILE B 138 -0.85 -24.64 10.83
N PRO B 139 -0.46 -25.93 10.90
CA PRO B 139 -1.31 -27.09 11.20
C PRO B 139 -2.35 -26.92 12.31
N ILE B 140 -1.93 -26.47 13.48
CA ILE B 140 -2.86 -26.32 14.58
C ILE B 140 -3.96 -25.30 14.32
N LEU B 141 -3.80 -24.51 13.27
CA LEU B 141 -4.80 -23.51 12.91
C LEU B 141 -5.56 -23.91 11.64
N GLU B 142 -4.94 -24.76 10.83
CA GLU B 142 -5.55 -25.23 9.60
C GLU B 142 -6.76 -26.10 9.93
N THR C 1 18.33 7.63 -13.87
CA THR C 1 16.94 7.88 -13.40
C THR C 1 16.84 9.12 -12.52
N VAL C 2 15.69 9.80 -12.60
CA VAL C 2 15.44 11.00 -11.80
C VAL C 2 14.12 10.79 -11.04
N ALA C 3 14.11 11.19 -9.77
CA ALA C 3 12.91 11.05 -8.95
C ALA C 3 11.83 12.05 -9.32
N ALA C 4 10.58 11.60 -9.28
CA ALA C 4 9.45 12.46 -9.58
C ALA C 4 9.38 13.55 -8.52
N TYR C 5 8.74 14.66 -8.87
CA TYR C 5 8.59 15.77 -7.93
C TYR C 5 7.27 16.50 -8.16
N ASN C 6 6.94 17.38 -7.22
CA ASN C 6 5.70 18.14 -7.27
C ASN C 6 4.47 17.23 -7.38
N LEU C 7 4.47 16.13 -6.63
CA LEU C 7 3.32 15.24 -6.65
C LEU C 7 2.14 16.01 -6.11
N THR C 8 1.07 16.08 -6.91
CA THR C 8 -0.13 16.82 -6.56
C THR C 8 -1.40 16.02 -6.75
N TRP C 9 -2.34 16.16 -5.82
CA TRP C 9 -3.61 15.45 -5.90
C TRP C 9 -4.67 16.33 -6.57
N LYS C 10 -5.27 15.83 -7.64
CA LYS C 10 -6.34 16.55 -8.34
C LYS C 10 -7.58 15.71 -8.11
N SER C 11 -8.51 16.22 -7.30
CA SER C 11 -9.71 15.46 -6.98
C SER C 11 -10.98 16.29 -6.89
N THR C 12 -12.01 15.84 -7.62
CA THR C 12 -13.32 16.48 -7.62
C THR C 12 -14.40 15.40 -7.64
N ASN C 13 -15.32 15.46 -6.68
CA ASN C 13 -16.39 14.45 -6.56
C ASN C 13 -15.80 13.04 -6.60
N PHE C 14 -14.67 12.91 -5.94
CA PHE C 14 -13.93 11.66 -5.80
C PHE C 14 -13.18 11.13 -7.02
N LYS C 15 -13.32 11.81 -8.17
CA LYS C 15 -12.53 11.39 -9.33
C LYS C 15 -11.18 11.89 -8.85
N THR C 16 -10.22 10.99 -8.62
CA THR C 16 -8.94 11.38 -8.06
C THR C 16 -7.73 11.01 -8.92
N ILE C 17 -6.99 12.02 -9.35
CA ILE C 17 -5.82 11.83 -10.19
C ILE C 17 -4.54 12.36 -9.56
N LEU C 18 -3.50 11.55 -9.51
CA LEU C 18 -2.23 12.00 -8.95
C LEU C 18 -1.42 12.53 -10.14
N GLU C 19 -0.82 13.70 -9.99
CA GLU C 19 -0.01 14.28 -11.06
C GLU C 19 1.38 14.55 -10.56
N TRP C 20 2.37 14.55 -11.46
CA TRP C 20 3.73 14.81 -11.06
C TRP C 20 4.58 15.25 -12.24
N GLU C 21 5.84 15.53 -11.94
CA GLU C 21 6.83 15.92 -12.93
C GLU C 21 8.02 15.02 -12.65
N PRO C 22 8.95 14.89 -13.61
CA PRO C 22 8.95 15.53 -14.93
C PRO C 22 8.53 14.56 -16.04
N LYS C 23 8.29 15.10 -17.23
CA LYS C 23 7.97 14.25 -18.37
C LYS C 23 9.22 13.37 -18.42
N PRO C 24 9.06 12.07 -18.64
CA PRO C 24 10.19 11.15 -18.69
C PRO C 24 11.07 11.13 -19.93
N VAL C 25 12.35 10.93 -19.68
CA VAL C 25 13.37 10.83 -20.72
C VAL C 25 14.15 9.57 -20.37
N ASN C 26 13.92 8.51 -21.15
CA ASN C 26 14.59 7.25 -20.92
C ASN C 26 14.28 6.61 -19.57
N GLN C 27 13.06 6.79 -19.09
CA GLN C 27 12.63 6.19 -17.84
C GLN C 27 11.12 6.10 -17.84
N VAL C 28 10.59 5.19 -17.02
CA VAL C 28 9.15 5.01 -16.93
C VAL C 28 8.75 5.03 -15.45
N TYR C 29 7.46 5.15 -15.21
CA TYR C 29 6.95 5.24 -13.84
C TYR C 29 5.95 4.15 -13.48
N THR C 30 5.85 3.89 -12.18
CA THR C 30 4.85 2.97 -11.65
C THR C 30 4.43 3.64 -10.36
N VAL C 31 3.14 3.66 -10.08
CA VAL C 31 2.63 4.28 -8.87
C VAL C 31 2.15 3.24 -7.87
N GLN C 32 2.28 3.54 -6.59
CA GLN C 32 1.76 2.65 -5.56
C GLN C 32 0.94 3.50 -4.61
N ILE C 33 -0.10 2.90 -4.06
CA ILE C 33 -0.95 3.62 -3.13
C ILE C 33 -1.31 2.66 -1.98
N SER C 34 -1.50 3.23 -0.79
CA SER C 34 -1.84 2.43 0.37
C SER C 34 -2.46 3.29 1.45
N THR C 35 -3.03 2.62 2.44
CA THR C 35 -3.57 3.31 3.60
C THR C 35 -2.43 3.10 4.61
N LYS C 36 -2.43 3.87 5.69
CA LYS C 36 -1.37 3.79 6.68
C LYS C 36 -0.97 2.39 7.14
N SER C 37 -1.93 1.49 7.28
CA SER C 37 -1.61 0.15 7.74
C SER C 37 -1.87 -0.94 6.71
N GLY C 38 -2.28 -0.56 5.51
CA GLY C 38 -2.57 -1.55 4.48
C GLY C 38 -1.42 -1.82 3.53
N ASP C 39 -1.56 -2.84 2.69
CA ASP C 39 -0.51 -3.18 1.73
C ASP C 39 -0.49 -2.19 0.59
N TRP C 40 0.64 -2.13 -0.11
CA TRP C 40 0.77 -1.22 -1.24
C TRP C 40 0.22 -1.85 -2.51
N LYS C 41 -0.65 -1.12 -3.21
CA LYS C 41 -1.20 -1.63 -4.46
C LYS C 41 -0.58 -0.83 -5.59
N SER C 42 -0.15 -1.51 -6.65
CA SER C 42 0.47 -0.83 -7.78
C SER C 42 -0.55 -0.45 -8.86
N LYS C 43 -0.28 0.66 -9.54
CA LYS C 43 -1.16 1.18 -10.58
C LYS C 43 -0.32 1.89 -11.66
N CYS C 44 -0.92 2.08 -12.83
CA CYS C 44 -0.26 2.78 -13.93
C CYS C 44 1.14 2.22 -14.20
N PHE C 45 1.18 0.90 -14.39
CA PHE C 45 2.43 0.17 -14.60
C PHE C 45 3.30 0.63 -15.78
N TYR C 46 4.54 0.98 -15.46
CA TYR C 46 5.52 1.44 -16.45
C TYR C 46 5.00 2.48 -17.42
N THR C 47 4.26 3.46 -16.92
CA THR C 47 3.72 4.50 -17.79
C THR C 47 4.75 5.59 -18.06
N THR C 48 4.56 6.32 -19.17
CA THR C 48 5.44 7.44 -19.48
C THR C 48 4.59 8.69 -19.24
N ASP C 49 3.35 8.48 -18.81
CA ASP C 49 2.44 9.58 -18.47
C ASP C 49 2.99 10.20 -17.19
N THR C 50 2.52 11.40 -16.88
CA THR C 50 2.92 12.06 -15.64
C THR C 50 1.68 12.24 -14.78
N GLU C 51 0.76 11.28 -14.88
CA GLU C 51 -0.46 11.29 -14.09
C GLU C 51 -0.91 9.85 -13.90
N CYS C 52 -1.72 9.61 -12.88
CA CYS C 52 -2.22 8.28 -12.60
C CYS C 52 -3.58 8.38 -11.92
N ASP C 53 -4.61 7.82 -12.56
CA ASP C 53 -5.95 7.84 -11.98
C ASP C 53 -5.98 6.83 -10.84
N LEU C 54 -6.31 7.31 -9.64
CA LEU C 54 -6.36 6.44 -8.46
C LEU C 54 -7.78 6.35 -7.90
N THR C 55 -8.74 6.84 -8.67
CA THR C 55 -10.15 6.83 -8.28
C THR C 55 -10.63 5.48 -7.76
N ASP C 56 -10.40 4.43 -8.54
CA ASP C 56 -10.83 3.09 -8.18
C ASP C 56 -10.29 2.61 -6.84
N GLU C 57 -9.12 3.10 -6.46
CA GLU C 57 -8.53 2.70 -5.19
C GLU C 57 -9.09 3.49 -4.01
N ILE C 58 -9.18 4.81 -4.15
CA ILE C 58 -9.68 5.61 -3.03
C ILE C 58 -11.18 5.49 -2.76
N VAL C 59 -11.98 5.12 -3.77
CA VAL C 59 -13.42 5.00 -3.53
C VAL C 59 -13.76 3.75 -2.73
N LYS C 60 -12.79 2.87 -2.52
CA LYS C 60 -13.02 1.65 -1.73
C LYS C 60 -13.39 2.06 -0.31
N ASP C 61 -12.88 3.22 0.12
CA ASP C 61 -13.17 3.79 1.44
C ASP C 61 -12.72 5.24 1.40
N VAL C 62 -13.64 6.13 1.07
CA VAL C 62 -13.32 7.55 0.96
C VAL C 62 -12.89 8.25 2.25
N LYS C 63 -13.13 7.61 3.40
CA LYS C 63 -12.76 8.22 4.67
C LYS C 63 -11.36 7.83 5.15
N GLN C 64 -10.71 6.94 4.41
CA GLN C 64 -9.36 6.52 4.77
C GLN C 64 -8.36 7.58 4.31
N THR C 65 -7.15 7.53 4.88
CA THR C 65 -6.10 8.47 4.50
C THR C 65 -5.11 7.67 3.66
N TYR C 66 -4.88 8.13 2.43
CA TYR C 66 -3.99 7.43 1.51
C TYR C 66 -2.67 8.13 1.27
N LEU C 67 -1.64 7.32 0.99
CA LEU C 67 -0.32 7.85 0.67
C LEU C 67 0.06 7.16 -0.63
N ALA C 68 0.59 7.92 -1.57
CA ALA C 68 1.00 7.34 -2.84
C ALA C 68 2.46 7.64 -3.06
N ARG C 69 3.11 6.86 -3.91
CA ARG C 69 4.51 7.11 -4.22
C ARG C 69 4.72 6.75 -5.68
N VAL C 70 5.60 7.50 -6.33
CA VAL C 70 5.88 7.28 -7.74
C VAL C 70 7.30 6.76 -7.90
N PHE C 71 7.44 5.59 -8.49
CA PHE C 71 8.75 4.98 -8.71
C PHE C 71 9.25 5.32 -10.11
N SER C 72 10.55 5.50 -10.23
CA SER C 72 11.18 5.78 -11.52
C SER C 72 12.02 4.54 -11.86
N TYR C 73 11.83 4.02 -13.07
CA TYR C 73 12.57 2.84 -13.51
C TYR C 73 13.29 3.21 -14.80
N PRO C 74 14.56 2.82 -14.93
CA PRO C 74 15.30 3.15 -16.15
C PRO C 74 14.74 2.37 -17.34
N ALA C 75 14.63 3.03 -18.49
CA ALA C 75 14.12 2.36 -19.68
C ALA C 75 15.30 1.79 -20.45
N GLU D 1 16.52 -1.01 -4.59
CA GLU D 1 15.16 -0.41 -4.76
C GLU D 1 15.27 0.80 -5.69
N PRO D 2 14.19 1.10 -6.42
CA PRO D 2 14.23 2.24 -7.34
C PRO D 2 14.10 3.59 -6.64
N LEU D 3 14.43 4.66 -7.36
CA LEU D 3 14.28 5.99 -6.80
C LEU D 3 12.78 6.23 -6.81
N TYR D 4 12.30 6.99 -5.84
CA TYR D 4 10.87 7.30 -5.77
C TYR D 4 10.63 8.53 -4.91
N GLU D 5 9.40 9.03 -4.96
CA GLU D 5 9.01 10.19 -4.19
C GLU D 5 7.61 9.92 -3.60
N ASN D 6 7.41 10.33 -2.36
CA ASN D 6 6.12 10.15 -1.70
C ASN D 6 5.23 11.35 -1.99
N SER D 7 3.93 11.10 -2.09
CA SER D 7 2.97 12.16 -2.33
C SER D 7 2.50 12.68 -0.97
N PRO D 8 1.73 13.76 -0.97
CA PRO D 8 1.26 14.23 0.33
C PRO D 8 0.18 13.22 0.74
N GLU D 9 -0.24 13.24 1.99
CA GLU D 9 -1.30 12.34 2.41
C GLU D 9 -2.60 12.88 1.82
N PHE D 10 -3.55 11.99 1.51
CA PHE D 10 -4.83 12.42 0.95
C PHE D 10 -6.01 11.68 1.55
N THR D 11 -6.95 12.44 2.12
CA THR D 11 -8.15 11.86 2.72
C THR D 11 -9.31 12.37 1.85
N PRO D 12 -9.81 11.54 0.93
CA PRO D 12 -10.90 11.85 0.01
C PRO D 12 -12.10 12.61 0.59
N TYR D 13 -12.73 12.01 1.59
CA TYR D 13 -13.90 12.61 2.22
C TYR D 13 -13.67 14.06 2.68
N LEU D 14 -12.49 14.34 3.18
CA LEU D 14 -12.18 15.68 3.68
C LEU D 14 -11.55 16.63 2.67
N GLU D 15 -10.97 16.08 1.60
CA GLU D 15 -10.28 16.92 0.64
C GLU D 15 -10.76 16.99 -0.80
N THR D 16 -11.54 16.02 -1.26
CA THR D 16 -11.99 16.09 -2.65
C THR D 16 -12.80 17.35 -2.86
N ASN D 17 -12.57 18.03 -3.98
CA ASN D 17 -13.31 19.25 -4.28
C ASN D 17 -14.76 18.94 -4.59
N LEU D 18 -15.66 19.84 -4.18
CA LEU D 18 -17.07 19.67 -4.45
C LEU D 18 -17.32 20.21 -5.85
N GLY D 19 -17.93 19.39 -6.71
CA GLY D 19 -18.19 19.80 -8.08
C GLY D 19 -19.11 20.99 -8.24
N GLN D 20 -19.00 21.67 -9.38
CA GLN D 20 -19.87 22.82 -9.61
C GLN D 20 -21.28 22.30 -9.78
N PRO D 21 -22.23 22.80 -8.97
CA PRO D 21 -23.61 22.33 -9.08
C PRO D 21 -24.39 22.96 -10.24
N THR D 22 -25.57 22.42 -10.50
CA THR D 22 -26.41 22.94 -11.57
C THR D 22 -27.84 23.07 -11.06
N ILE D 23 -28.44 24.23 -11.27
CA ILE D 23 -29.82 24.43 -10.85
C ILE D 23 -30.67 23.63 -11.82
N GLN D 24 -31.40 22.65 -11.27
CA GLN D 24 -32.25 21.79 -12.06
C GLN D 24 -33.51 22.52 -12.49
N SER D 25 -34.09 23.29 -11.57
CA SER D 25 -35.30 24.03 -11.89
C SER D 25 -35.66 25.07 -10.85
N PHE D 26 -36.54 25.99 -11.23
CA PHE D 26 -37.02 27.04 -10.34
C PHE D 26 -38.44 27.34 -10.78
N GLU D 27 -39.39 26.99 -9.94
CA GLU D 27 -40.82 27.18 -10.22
C GLU D 27 -41.48 28.09 -9.19
N GLN D 28 -42.36 28.97 -9.68
CA GLN D 28 -43.07 29.88 -8.79
C GLN D 28 -44.28 29.16 -8.22
N VAL D 29 -44.43 29.20 -6.90
CA VAL D 29 -45.56 28.55 -6.25
C VAL D 29 -46.22 29.59 -5.35
N GLY D 30 -47.22 30.28 -5.89
CA GLY D 30 -47.89 31.31 -5.12
C GLY D 30 -46.95 32.48 -4.93
N THR D 31 -46.67 32.82 -3.67
CA THR D 31 -45.79 33.95 -3.38
C THR D 31 -44.37 33.46 -3.05
N LYS D 32 -44.05 32.25 -3.46
CA LYS D 32 -42.74 31.68 -3.20
C LYS D 32 -42.14 31.07 -4.46
N VAL D 33 -40.88 30.69 -4.37
CA VAL D 33 -40.20 30.06 -5.50
C VAL D 33 -39.46 28.81 -5.01
N ASN D 34 -39.69 27.71 -5.72
CA ASN D 34 -39.05 26.43 -5.42
C ASN D 34 -37.84 26.26 -6.33
N VAL D 35 -36.65 26.29 -5.75
CA VAL D 35 -35.42 26.12 -6.50
C VAL D 35 -34.84 24.74 -6.20
N THR D 36 -34.65 23.93 -7.24
CA THR D 36 -34.11 22.59 -7.05
C THR D 36 -32.72 22.45 -7.66
N VAL D 37 -31.82 21.82 -6.89
CA VAL D 37 -30.45 21.58 -7.30
C VAL D 37 -30.32 20.16 -7.84
N GLU D 38 -29.71 20.02 -9.00
CA GLU D 38 -29.53 18.70 -9.60
C GLU D 38 -28.62 17.85 -8.72
N ASP D 39 -28.94 16.57 -8.59
CA ASP D 39 -28.10 15.67 -7.79
C ASP D 39 -26.71 15.62 -8.41
N GLU D 40 -25.68 15.89 -7.61
CA GLU D 40 -24.31 15.86 -8.11
C GLU D 40 -23.79 14.43 -8.03
N ARG D 41 -23.52 13.82 -9.18
CA ARG D 41 -23.02 12.46 -9.19
C ARG D 41 -21.53 12.39 -8.85
N THR D 42 -21.14 11.34 -8.13
CA THR D 42 -19.75 11.17 -7.72
C THR D 42 -19.22 9.86 -8.31
N LEU D 43 -17.91 9.64 -8.14
CA LEU D 43 -17.26 8.44 -8.66
C LEU D 43 -17.45 7.21 -7.76
N VAL D 44 -18.04 7.40 -6.59
CA VAL D 44 -18.28 6.27 -5.69
C VAL D 44 -19.41 5.44 -6.27
N ARG D 45 -19.18 4.14 -6.39
CA ARG D 45 -20.18 3.24 -6.95
C ARG D 45 -20.93 2.42 -5.90
N ARG D 46 -21.99 1.76 -6.36
CA ARG D 46 -22.81 0.91 -5.50
C ARG D 46 -23.78 0.14 -6.39
N ASN D 47 -23.32 -0.98 -6.94
CA ASN D 47 -24.15 -1.82 -7.80
C ASN D 47 -24.45 -1.19 -9.16
N ASN D 48 -23.42 -1.04 -9.98
CA ASN D 48 -23.56 -0.46 -11.31
C ASN D 48 -24.15 0.94 -11.31
N THR D 49 -24.17 1.58 -10.15
CA THR D 49 -24.72 2.93 -10.06
C THR D 49 -23.76 3.86 -9.32
N PHE D 50 -23.80 5.14 -9.68
CA PHE D 50 -22.94 6.12 -9.03
C PHE D 50 -23.70 6.85 -7.93
N LEU D 51 -23.07 7.03 -6.78
CA LEU D 51 -23.71 7.73 -5.67
C LEU D 51 -23.62 9.24 -5.84
N SER D 52 -24.63 9.95 -5.36
CA SER D 52 -24.65 11.40 -5.45
C SER D 52 -23.84 11.98 -4.31
N LEU D 53 -23.57 13.28 -4.35
CA LEU D 53 -22.81 13.91 -3.29
C LEU D 53 -23.61 13.76 -1.99
N ARG D 54 -24.93 13.83 -2.13
CA ARG D 54 -25.86 13.69 -1.01
C ARG D 54 -25.76 12.29 -0.37
N ASP D 55 -25.71 11.26 -1.21
CA ASP D 55 -25.59 9.88 -0.72
C ASP D 55 -24.33 9.68 0.09
N VAL D 56 -23.25 10.31 -0.35
CA VAL D 56 -21.97 10.17 0.32
C VAL D 56 -21.77 11.01 1.58
N PHE D 57 -22.14 12.28 1.50
CA PHE D 57 -21.95 13.19 2.63
C PHE D 57 -23.11 13.28 3.60
N GLY D 58 -24.32 12.97 3.14
CA GLY D 58 -25.49 13.04 3.98
C GLY D 58 -25.61 14.40 4.66
N LYS D 59 -25.80 14.39 5.97
CA LYS D 59 -25.95 15.60 6.75
C LYS D 59 -24.76 16.56 6.70
N ASP D 60 -23.59 16.06 6.29
CA ASP D 60 -22.42 16.92 6.23
C ASP D 60 -22.51 17.89 5.04
N LEU D 61 -23.40 17.58 4.10
CA LEU D 61 -23.58 18.40 2.90
C LEU D 61 -24.82 19.27 2.93
N ILE D 62 -24.66 20.54 2.58
CA ILE D 62 -25.78 21.46 2.48
C ILE D 62 -25.57 22.21 1.17
N TYR D 63 -26.62 22.89 0.71
CA TYR D 63 -26.53 23.68 -0.51
C TYR D 63 -26.93 25.08 -0.10
N THR D 64 -26.22 26.06 -0.64
CA THR D 64 -26.49 27.46 -0.35
C THR D 64 -27.01 28.13 -1.62
N LEU D 65 -28.01 28.98 -1.46
CA LEU D 65 -28.60 29.70 -2.59
C LEU D 65 -28.28 31.19 -2.49
N TYR D 66 -27.81 31.75 -3.58
CA TYR D 66 -27.51 33.18 -3.67
C TYR D 66 -28.52 33.73 -4.65
N TYR D 67 -29.39 34.62 -4.20
CA TYR D 67 -30.39 35.19 -5.10
C TYR D 67 -30.59 36.68 -4.91
N TRP D 68 -31.21 37.31 -5.90
CA TRP D 68 -31.46 38.75 -5.85
C TRP D 68 -32.59 39.13 -6.79
N SER D 69 -29.15 47.57 -4.67
CA SER D 69 -29.86 46.30 -4.53
C SER D 69 -28.90 45.22 -4.03
N GLY D 70 -29.06 44.83 -2.77
CA GLY D 70 -28.20 43.80 -2.20
C GLY D 70 -28.62 42.39 -2.57
N LYS D 71 -27.95 41.41 -1.97
CA LYS D 71 -28.25 40.01 -2.23
C LYS D 71 -28.75 39.31 -0.97
N LYS D 72 -29.51 38.24 -1.17
CA LYS D 72 -30.03 37.46 -0.07
C LYS D 72 -29.50 36.05 -0.23
N THR D 73 -29.51 35.28 0.85
CA THR D 73 -29.03 33.92 0.80
C THR D 73 -30.00 33.01 1.53
N ALA D 74 -29.99 31.74 1.16
CA ALA D 74 -30.86 30.74 1.77
C ALA D 74 -30.04 29.46 1.82
N LYS D 75 -30.35 28.58 2.76
CA LYS D 75 -29.60 27.35 2.87
C LYS D 75 -30.52 26.15 3.09
N THR D 76 -30.11 25.00 2.60
CA THR D 76 -30.92 23.79 2.74
C THR D 76 -30.14 22.52 3.06
N ASN D 77 -30.79 21.64 3.82
CA ASN D 77 -30.23 20.34 4.20
C ASN D 77 -30.58 19.30 3.14
N THR D 78 -31.36 19.72 2.14
CA THR D 78 -31.74 18.83 1.05
C THR D 78 -31.18 19.40 -0.24
N ASN D 79 -31.88 19.21 -1.35
CA ASN D 79 -31.43 19.75 -2.63
C ASN D 79 -32.47 20.75 -3.14
N GLU D 80 -33.32 21.23 -2.23
CA GLU D 80 -34.37 22.17 -2.60
C GLU D 80 -34.50 23.38 -1.67
N PHE D 81 -34.86 24.51 -2.26
CA PHE D 81 -35.06 25.77 -1.54
C PHE D 81 -36.49 26.24 -1.79
N LEU D 82 -37.09 26.86 -0.79
CA LEU D 82 -38.43 27.41 -0.92
C LEU D 82 -38.35 28.80 -0.32
N ILE D 83 -38.17 29.80 -1.18
CA ILE D 83 -38.02 31.17 -0.72
C ILE D 83 -39.19 32.09 -1.02
N ASP D 84 -39.34 33.12 -0.17
CA ASP D 84 -40.40 34.11 -0.35
C ASP D 84 -39.91 35.14 -1.35
N VAL D 85 -40.78 35.52 -2.29
CA VAL D 85 -40.45 36.52 -3.30
C VAL D 85 -41.60 37.50 -3.45
N ASP D 86 -41.36 38.56 -4.21
CA ASP D 86 -42.38 39.58 -4.46
C ASP D 86 -42.90 39.39 -5.88
N LYS D 87 -44.21 39.16 -6.00
CA LYS D 87 -44.82 38.96 -7.31
C LYS D 87 -44.52 40.11 -8.26
N GLY D 88 -44.41 39.79 -9.55
CA GLY D 88 -44.12 40.81 -10.54
C GLY D 88 -42.65 41.10 -10.67
N GLU D 89 -41.88 40.79 -9.62
CA GLU D 89 -40.45 41.02 -9.60
C GLU D 89 -39.68 39.81 -10.14
N ASN D 90 -38.59 40.07 -10.86
CA ASN D 90 -37.77 39.00 -11.41
C ASN D 90 -36.58 38.72 -10.50
N TYR D 91 -36.28 37.44 -10.30
CA TYR D 91 -35.17 37.04 -9.45
C TYR D 91 -34.18 36.18 -10.22
N CYS D 92 -32.93 36.20 -9.78
CA CYS D 92 -31.89 35.37 -10.39
C CYS D 92 -31.34 34.53 -9.25
N PHE D 93 -30.84 33.34 -9.59
CA PHE D 93 -30.32 32.42 -8.59
C PHE D 93 -28.99 31.78 -8.98
N SER D 94 -28.26 31.35 -7.95
CA SER D 94 -26.98 30.66 -8.10
C SER D 94 -26.83 29.79 -6.86
N VAL D 95 -26.33 28.58 -7.03
CA VAL D 95 -26.16 27.69 -5.88
C VAL D 95 -24.74 27.22 -5.68
N GLN D 96 -24.46 26.78 -4.46
CA GLN D 96 -23.12 26.32 -4.09
C GLN D 96 -23.21 25.12 -3.15
N ALA D 97 -22.38 24.10 -3.38
CA ALA D 97 -22.35 22.93 -2.51
C ALA D 97 -21.41 23.28 -1.38
N VAL D 98 -21.80 22.95 -0.15
CA VAL D 98 -20.97 23.28 1.00
C VAL D 98 -20.94 22.17 2.04
N ILE D 99 -19.77 21.98 2.63
CA ILE D 99 -19.59 21.00 3.71
C ILE D 99 -19.10 21.90 4.83
N PRO D 100 -20.04 22.47 5.60
CA PRO D 100 -19.71 23.37 6.70
C PRO D 100 -18.65 22.91 7.68
N SER D 101 -18.57 21.60 7.93
CA SER D 101 -17.58 21.07 8.87
C SER D 101 -16.13 21.19 8.42
N ARG D 102 -15.91 21.55 7.16
CA ARG D 102 -14.56 21.71 6.64
C ARG D 102 -14.01 23.09 7.02
N THR D 103 -12.69 23.23 7.00
CA THR D 103 -12.06 24.51 7.31
C THR D 103 -11.47 25.08 6.03
N VAL D 104 -11.10 24.18 5.11
CA VAL D 104 -10.53 24.57 3.82
C VAL D 104 -11.23 23.78 2.72
N ASN D 105 -11.40 24.41 1.57
CA ASN D 105 -12.04 23.75 0.43
C ASN D 105 -13.46 23.35 0.87
N ARG D 106 -14.10 24.22 1.64
CA ARG D 106 -15.43 23.95 2.15
C ARG D 106 -16.57 24.19 1.16
N LYS D 107 -16.31 24.88 0.07
CA LYS D 107 -17.37 25.17 -0.90
C LYS D 107 -17.00 24.91 -2.35
N SER D 108 -18.01 24.62 -3.15
CA SER D 108 -17.82 24.37 -4.58
C SER D 108 -17.81 25.73 -5.26
N THR D 109 -17.55 25.75 -6.56
CA THR D 109 -17.61 27.00 -7.30
C THR D 109 -19.11 27.22 -7.47
N ASP D 110 -19.52 28.46 -7.68
CA ASP D 110 -20.94 28.78 -7.86
C ASP D 110 -21.49 28.16 -9.13
N SER D 111 -22.75 27.77 -9.10
CA SER D 111 -23.41 27.19 -10.26
C SER D 111 -23.67 28.29 -11.28
N PRO D 112 -24.05 27.92 -12.50
CA PRO D 112 -24.33 28.96 -13.50
C PRO D 112 -25.55 29.71 -12.97
N VAL D 113 -25.64 31.00 -13.28
CA VAL D 113 -26.77 31.80 -12.82
C VAL D 113 -28.03 31.53 -13.64
N GLU D 114 -29.16 31.44 -12.96
CA GLU D 114 -30.45 31.21 -13.60
C GLU D 114 -31.42 32.31 -13.16
N CYS D 115 -32.08 32.95 -14.11
CA CYS D 115 -33.01 34.02 -13.79
C CYS D 115 -34.43 33.71 -14.26
N MET D 116 -35.40 34.33 -13.60
CA MET D 116 -36.80 34.15 -13.96
C MET D 116 -37.05 34.91 -15.26
#